data_4LZ2
#
_entry.id   4LZ2
#
_cell.length_a   95.417
_cell.length_b   95.417
_cell.length_c   33.054
_cell.angle_alpha   90.00
_cell.angle_beta   90.00
_cell.angle_gamma   120.00
#
_symmetry.space_group_name_H-M   'P 31 2 1'
#
loop_
_entity.id
_entity.type
_entity.pdbx_description
1 polymer 'Bromodomain adjacent to zinc finger domain protein 2A'
2 non-polymer 1,2-ETHANEDIOL
3 non-polymer 'MAGNESIUM ION'
4 water water
#
_entity_poly.entity_id   1
_entity_poly.type   'polypeptide(L)'
_entity_poly.pdbx_seq_one_letter_code
;SMHSDLTFCEIILMEMESHDAAWPFLEPVNPRLVSGYRRIIKNPMDFSTMRERLLRGGYTSSEEFAADALLVFDNCQTFN
EDDSEVGKAGHIMRRFFESRWEEFYQ
;
_entity_poly.pdbx_strand_id   A
#
# COMPACT_ATOMS: atom_id res chain seq x y z
N LEU A 6 15.61 8.65 0.70
CA LEU A 6 15.03 7.57 -0.15
C LEU A 6 15.59 6.14 0.09
N THR A 7 16.75 6.04 0.72
CA THR A 7 17.21 4.72 1.17
C THR A 7 16.24 4.07 2.19
N PHE A 8 15.69 4.86 3.11
CA PHE A 8 14.68 4.32 4.02
C PHE A 8 13.39 3.88 3.32
N CYS A 9 12.97 4.59 2.29
CA CYS A 9 11.85 4.16 1.47
C CYS A 9 12.05 2.76 0.90
N GLU A 10 13.28 2.48 0.43
CA GLU A 10 13.56 1.16 -0.07
C GLU A 10 13.46 0.10 1.03
N ILE A 11 13.98 0.43 2.20
CA ILE A 11 13.99 -0.48 3.31
C ILE A 11 12.53 -0.81 3.68
N ILE A 12 11.75 0.24 3.85
CA ILE A 12 10.37 0.06 4.26
C ILE A 12 9.55 -0.67 3.19
N LEU A 13 9.74 -0.36 1.89
CA LEU A 13 9.00 -1.05 0.86
C LEU A 13 9.29 -2.56 0.81
N MET A 14 10.57 -2.92 0.90
CA MET A 14 11.12 -4.27 0.99
CA MET A 14 10.96 -4.30 0.88
C MET A 14 10.41 -5.03 2.12
N GLU A 15 10.39 -4.36 3.25
CA GLU A 15 9.74 -4.94 4.46
C GLU A 15 8.23 -5.17 4.31
N MET A 16 7.57 -4.23 3.63
CA MET A 16 6.14 -4.39 3.35
C MET A 16 5.91 -5.51 2.33
N GLU A 17 6.68 -5.52 1.23
CA GLU A 17 6.57 -6.56 0.20
C GLU A 17 6.70 -7.96 0.78
N SER A 18 7.54 -8.05 1.79
CA SER A 18 7.87 -9.35 2.35
C SER A 18 7.09 -9.73 3.58
N HIS A 19 6.19 -8.84 4.01
CA HIS A 19 5.38 -9.09 5.19
C HIS A 19 4.31 -10.19 4.96
N ASP A 20 4.09 -11.01 5.98
CA ASP A 20 3.04 -12.01 5.96
C ASP A 20 1.65 -11.47 5.58
N ALA A 21 1.34 -10.23 5.96
CA ALA A 21 0.02 -9.64 5.68
C ALA A 21 -0.06 -8.83 4.41
N ALA A 22 0.96 -8.90 3.58
CA ALA A 22 1.07 -8.04 2.39
C ALA A 22 0.26 -8.56 1.20
N TRP A 23 -0.23 -9.81 1.28
CA TRP A 23 -0.86 -10.48 0.14
C TRP A 23 -1.93 -9.73 -0.66
N PRO A 24 -2.79 -8.94 0.00
CA PRO A 24 -3.77 -8.19 -0.80
C PRO A 24 -3.21 -6.97 -1.56
N PHE A 25 -1.96 -6.59 -1.30
CA PHE A 25 -1.40 -5.31 -1.75
C PHE A 25 -0.22 -5.39 -2.68
N LEU A 26 0.10 -6.63 -3.09
CA LEU A 26 1.32 -6.85 -3.85
C LEU A 26 1.15 -6.47 -5.28
N GLU A 27 -0.08 -6.62 -5.78
CA GLU A 27 -0.37 -6.33 -7.20
C GLU A 27 -1.60 -5.44 -7.27
N PRO A 28 -1.81 -4.76 -8.41
CA PRO A 28 -3.02 -3.91 -8.54
C PRO A 28 -4.27 -4.80 -8.42
N VAL A 29 -5.31 -4.27 -7.83
CA VAL A 29 -6.61 -4.93 -7.77
C VAL A 29 -7.12 -5.07 -9.20
N ASN A 30 -7.62 -6.26 -9.54
CA ASN A 30 -8.23 -6.53 -10.85
C ASN A 30 -9.67 -6.17 -10.87
N PRO A 31 -9.99 -5.04 -11.54
CA PRO A 31 -11.36 -4.63 -11.43
C PRO A 31 -12.37 -5.58 -12.12
N ARG A 32 -11.89 -6.38 -13.05
CA ARG A 32 -12.75 -7.39 -13.70
C ARG A 32 -13.21 -8.46 -12.72
N LEU A 33 -12.44 -8.65 -11.65
CA LEU A 33 -12.71 -9.72 -10.68
C LEU A 33 -13.33 -9.20 -9.39
N VAL A 34 -13.32 -7.88 -9.21
CA VAL A 34 -13.72 -7.28 -7.94
C VAL A 34 -14.85 -6.29 -8.29
N SER A 35 -16.07 -6.74 -8.09
CA SER A 35 -17.25 -5.94 -8.39
C SER A 35 -17.28 -4.64 -7.58
N GLY A 36 -17.43 -3.52 -8.28
CA GLY A 36 -17.57 -2.24 -7.63
C GLY A 36 -16.28 -1.48 -7.41
N TYR A 37 -15.13 -2.12 -7.68
CA TYR A 37 -13.83 -1.51 -7.34
C TYR A 37 -13.57 -0.19 -8.09
N ARG A 38 -13.81 -0.20 -9.38
CA ARG A 38 -13.53 0.92 -10.25
CA ARG A 38 -13.49 0.95 -10.22
C ARG A 38 -14.41 2.13 -9.85
N ARG A 39 -15.65 1.82 -9.48
CA ARG A 39 -16.65 2.84 -9.07
C ARG A 39 -16.26 3.52 -7.76
N ILE A 40 -15.84 2.70 -6.79
CA ILE A 40 -15.54 3.13 -5.44
C ILE A 40 -14.14 3.78 -5.26
N ILE A 41 -13.09 3.19 -5.84
CA ILE A 41 -11.71 3.63 -5.59
C ILE A 41 -11.21 4.45 -6.75
N LYS A 42 -11.11 5.76 -6.53
CA LYS A 42 -10.68 6.67 -7.60
C LYS A 42 -9.18 6.63 -7.95
N ASN A 43 -8.33 6.42 -6.94
CA ASN A 43 -6.89 6.43 -7.13
C ASN A 43 -6.30 5.13 -6.57
N PRO A 44 -6.32 4.05 -7.37
CA PRO A 44 -5.77 2.75 -6.96
C PRO A 44 -4.29 2.86 -6.69
N MET A 45 -3.81 2.10 -5.71
CA MET A 45 -2.39 2.03 -5.46
C MET A 45 -2.08 0.70 -4.82
N ASP A 46 -0.86 0.21 -5.09
CA ASP A 46 -0.41 -1.10 -4.58
C ASP A 46 1.13 -1.09 -4.52
N PHE A 47 1.74 -2.10 -3.87
CA PHE A 47 3.18 -2.02 -3.63
C PHE A 47 4.03 -2.19 -4.92
N SER A 48 3.46 -2.89 -5.91
CA SER A 48 4.16 -3.18 -7.22
C SER A 48 4.26 -1.88 -7.98
N THR A 49 3.21 -1.07 -7.91
CA THR A 49 3.19 0.26 -8.51
C THR A 49 4.14 1.23 -7.80
N MET A 50 4.19 1.20 -6.46
CA MET A 50 5.21 1.94 -5.72
C MET A 50 6.63 1.51 -6.09
N ARG A 51 6.82 0.19 -6.22
CA ARG A 51 8.12 -0.38 -6.52
C ARG A 51 8.56 0.15 -7.92
N GLU A 52 7.66 0.07 -8.90
CA GLU A 52 7.99 0.55 -10.30
C GLU A 52 8.39 2.02 -10.23
N ARG A 53 7.61 2.83 -9.53
CA ARG A 53 7.90 4.28 -9.42
C ARG A 53 9.21 4.55 -8.68
N LEU A 54 9.46 3.78 -7.64
CA LEU A 54 10.66 3.98 -6.81
C LEU A 54 11.96 3.58 -7.58
N LEU A 55 11.91 2.53 -8.40
CA LEU A 55 13.10 2.07 -9.16
C LEU A 55 13.36 2.95 -10.39
N ARG A 56 12.29 3.38 -11.08
CA ARG A 56 12.39 4.28 -12.25
C ARG A 56 12.79 5.71 -11.86
N GLY A 57 12.92 5.99 -10.56
CA GLY A 57 13.43 7.28 -10.05
C GLY A 57 12.36 8.27 -9.60
N GLY A 58 11.09 7.84 -9.66
CA GLY A 58 9.93 8.77 -9.69
C GLY A 58 9.39 9.44 -8.43
N TYR A 59 10.06 9.29 -7.28
CA TYR A 59 9.64 9.98 -6.05
C TYR A 59 10.65 11.10 -5.73
N THR A 60 10.15 12.31 -5.49
CA THR A 60 10.96 13.50 -5.16
C THR A 60 11.38 13.51 -3.72
N SER A 61 10.47 13.08 -2.85
CA SER A 61 10.70 13.15 -1.42
C SER A 61 10.13 11.91 -0.76
N SER A 62 10.62 11.63 0.44
CA SER A 62 10.05 10.61 1.29
C SER A 62 8.55 10.89 1.54
N GLU A 63 8.13 12.15 1.54
CA GLU A 63 6.68 12.51 1.69
C GLU A 63 5.77 12.01 0.58
N GLU A 64 6.21 12.11 -0.66
CA GLU A 64 5.47 11.52 -1.79
C GLU A 64 5.35 10.00 -1.68
N PHE A 65 6.40 9.38 -1.16
CA PHE A 65 6.38 7.92 -1.01
C PHE A 65 5.38 7.58 0.08
N ALA A 66 5.47 8.25 1.23
CA ALA A 66 4.55 8.01 2.33
C ALA A 66 3.12 8.24 1.91
N ALA A 67 2.88 9.19 1.01
CA ALA A 67 1.50 9.46 0.56
C ALA A 67 0.93 8.30 -0.23
N ASP A 68 1.74 7.64 -1.06
CA ASP A 68 1.29 6.44 -1.79
C ASP A 68 1.05 5.25 -0.85
N ALA A 69 1.93 5.10 0.14
CA ALA A 69 1.73 4.04 1.14
C ALA A 69 0.41 4.20 1.86
N LEU A 70 0.14 5.41 2.34
CA LEU A 70 -1.11 5.65 3.06
C LEU A 70 -2.30 5.54 2.15
N LEU A 71 -2.15 5.89 0.89
CA LEU A 71 -3.22 5.66 -0.10
C LEU A 71 -3.62 4.18 -0.23
N VAL A 72 -2.62 3.29 -0.28
CA VAL A 72 -2.90 1.84 -0.24
C VAL A 72 -3.92 1.48 0.87
N PHE A 73 -3.64 1.97 2.07
CA PHE A 73 -4.43 1.58 3.25
C PHE A 73 -5.72 2.36 3.39
N ASP A 74 -5.73 3.61 2.88
CA ASP A 74 -7.00 4.32 2.72
C ASP A 74 -7.95 3.64 1.77
N ASN A 75 -7.45 3.17 0.63
CA ASN A 75 -8.29 2.42 -0.31
C ASN A 75 -8.77 1.15 0.31
N CYS A 76 -7.90 0.47 1.05
CA CYS A 76 -8.27 -0.79 1.69
C CYS A 76 -9.46 -0.60 2.62
N GLN A 77 -9.42 0.46 3.44
CA GLN A 77 -10.47 0.71 4.45
C GLN A 77 -11.75 1.20 3.81
N THR A 78 -11.59 1.86 2.67
CA THR A 78 -12.76 2.34 1.89
C THR A 78 -13.55 1.21 1.27
N PHE A 79 -12.83 0.24 0.69
CA PHE A 79 -13.47 -0.82 -0.04
C PHE A 79 -13.82 -2.05 0.77
N ASN A 80 -13.04 -2.36 1.80
CA ASN A 80 -13.16 -3.59 2.55
C ASN A 80 -13.61 -3.36 3.95
N GLU A 81 -14.49 -4.22 4.44
CA GLU A 81 -14.94 -4.14 5.82
C GLU A 81 -13.72 -4.40 6.73
N ASP A 82 -13.74 -3.83 7.93
CA ASP A 82 -12.65 -4.01 8.87
C ASP A 82 -12.50 -5.46 9.35
N ASP A 83 -13.58 -6.25 9.31
CA ASP A 83 -13.56 -7.68 9.74
C ASP A 83 -13.48 -8.66 8.57
N SER A 84 -13.31 -8.13 7.37
CA SER A 84 -13.06 -8.97 6.16
C SER A 84 -11.61 -9.45 6.22
N GLU A 85 -11.29 -10.54 5.52
CA GLU A 85 -9.89 -11.01 5.45
C GLU A 85 -8.91 -9.93 4.91
N VAL A 86 -9.34 -9.22 3.86
CA VAL A 86 -8.45 -8.19 3.29
C VAL A 86 -8.35 -6.98 4.31
N GLY A 87 -9.47 -6.59 4.88
CA GLY A 87 -9.44 -5.50 5.89
C GLY A 87 -8.52 -5.77 7.03
N LYS A 88 -8.57 -6.99 7.53
CA LYS A 88 -7.77 -7.35 8.64
C LYS A 88 -6.29 -7.31 8.29
N ALA A 89 -5.97 -7.79 7.10
CA ALA A 89 -4.62 -7.68 6.59
C ALA A 89 -4.13 -6.24 6.43
N GLY A 90 -5.00 -5.42 5.92
CA GLY A 90 -4.74 -4.01 5.76
C GLY A 90 -4.48 -3.27 7.03
N HIS A 91 -5.19 -3.66 8.11
CA HIS A 91 -4.88 -3.02 9.41
C HIS A 91 -3.50 -3.36 9.91
N ILE A 92 -3.13 -4.64 9.81
CA ILE A 92 -1.77 -5.08 10.19
C ILE A 92 -0.73 -4.28 9.40
N MET A 93 -0.93 -4.18 8.09
CA MET A 93 0.02 -3.46 7.23
C MET A 93 0.13 -1.99 7.47
N ARG A 94 -1.02 -1.36 7.70
CA ARG A 94 -1.09 0.08 7.99
C ARG A 94 -0.36 0.36 9.29
N ARG A 95 -0.61 -0.46 10.31
CA ARG A 95 0.06 -0.23 11.58
C ARG A 95 1.59 -0.45 11.46
N PHE A 96 1.97 -1.46 10.68
CA PHE A 96 3.36 -1.75 10.47
C PHE A 96 4.02 -0.54 9.81
N PHE A 97 3.41 -0.03 8.74
CA PHE A 97 3.99 1.09 7.99
C PHE A 97 4.18 2.30 8.92
N GLU A 98 3.13 2.62 9.65
CA GLU A 98 3.13 3.87 10.47
C GLU A 98 4.18 3.71 11.57
N SER A 99 4.27 2.50 12.12
CA SER A 99 5.28 2.24 13.14
C SER A 99 6.70 2.45 12.64
N ARG A 100 7.03 1.80 11.52
CA ARG A 100 8.38 1.84 10.97
C ARG A 100 8.74 3.22 10.47
N TRP A 101 7.80 3.85 9.78
CA TRP A 101 8.01 5.19 9.26
C TRP A 101 8.37 6.14 10.41
N GLU A 102 7.67 5.99 11.53
CA GLU A 102 7.85 6.91 12.66
C GLU A 102 9.14 6.72 13.46
N GLU A 103 9.61 5.49 13.58
CA GLU A 103 10.86 5.24 14.29
C GLU A 103 12.07 5.64 13.46
N PHE A 104 11.88 5.88 12.17
CA PHE A 104 12.93 6.48 11.35
C PHE A 104 12.84 7.99 11.27
N TYR A 105 11.65 8.54 11.03
CA TYR A 105 11.42 10.00 11.03
C TYR A 105 10.71 10.46 12.30
#